data_4X1S
#
_entry.id   4X1S
#
_cell.length_a   121.300
_cell.length_b   121.300
_cell.length_c   42.926
_cell.angle_alpha   90.00
_cell.angle_beta   90.00
_cell.angle_gamma   120.00
#
_symmetry.space_group_name_H-M   'H 3'
#
loop_
_entity.id
_entity.type
_entity.pdbx_description
1 polymer mupain-1-16
2 polymer 'Urokinase-type plasminogen activator'
3 non-polymer piperidine-1-carboximidamide
4 water water
#
loop_
_entity_poly.entity_id
_entity_poly.type
_entity_poly.pdbx_seq_one_letter_code
_entity_poly.pdbx_strand_id
1 'polypeptide(L)' CPAYSAYLAC P
2 'polypeptide(L)'
;IIGGEFTTIENQPWFAAIYRRHRGGSVTYVCGGSLISPCWVISATHCFIDYPKKEDYIVYLGRSRLNSNTQGEMKFEVEN
LILHKDYSADTLAYHNDIALLKIRSKEGRCAQPSRTIQTIALPSMYNDPQFGTSCEITGFGKEQSTDYLYPEQLKMTVVK
LISHRECQQPHYYGSEVTTKMLCAADPQWKTDSCQGDSGGPLVCSLQGRMTLTGIVSWGRGCALKDKPGVYTRVSHFLPW
IRSHTKE
;
U
#
# COMPACT_ATOMS: atom_id res chain seq x y z
N CYS A 1 0.36 -3.28 -18.33
CA CYS A 1 -0.38 -3.28 -17.09
C CYS A 1 -1.17 -4.57 -17.00
N PRO A 2 -1.00 -5.31 -15.82
CA PRO A 2 -1.91 -6.46 -15.70
C PRO A 2 -3.36 -6.01 -15.54
N ALA A 3 -4.30 -6.85 -15.96
CA ALA A 3 -5.70 -6.48 -16.00
C ALA A 3 -6.26 -6.08 -14.67
N TYR A 4 -5.78 -6.71 -13.62
CA TYR A 4 -6.27 -6.40 -12.28
C TYR A 4 -5.38 -5.37 -11.54
N SER A 5 -4.57 -4.63 -12.27
CA SER A 5 -3.77 -3.66 -11.57
C SER A 5 -4.68 -2.62 -10.97
N ALA A 6 -4.28 -2.10 -9.72
CA ALA A 6 -4.50 -0.76 -9.11
C ALA A 6 -3.52 0.15 -9.04
N TYR A 7 -2.44 0.25 -9.97
CA TYR A 7 -1.46 1.23 -10.14
C TYR A 7 -2.12 2.38 -10.83
N LEU A 8 -1.97 3.57 -10.27
CA LEU A 8 -2.67 4.69 -10.81
C LEU A 8 -2.25 5.09 -12.21
N ALA A 9 -1.09 4.62 -12.65
CA ALA A 9 -0.60 4.95 -13.97
C ALA A 9 -0.98 3.92 -15.01
N CYS A 10 -1.92 3.06 -14.66
CA CYS A 10 -2.41 2.03 -15.56
C CYS A 10 -3.82 2.39 -16.04
N ILE B 1 -9.95 4.46 -2.32
CA ILE B 1 -10.84 3.73 -1.40
C ILE B 1 -12.31 3.97 -1.79
N ILE B 2 -13.00 2.90 -2.14
CA ILE B 2 -14.45 2.92 -2.38
C ILE B 2 -15.20 2.83 -1.05
N GLY B 3 -16.18 3.70 -0.83
CA GLY B 3 -16.89 3.72 0.44
C GLY B 3 -15.97 4.17 1.58
N GLY B 4 -16.17 3.62 2.77
CA GLY B 4 -15.34 4.03 3.90
C GLY B 4 -15.57 5.47 4.33
N GLU B 5 -14.55 6.07 4.93
CA GLU B 5 -14.69 7.41 5.49
C GLU B 5 -13.47 8.26 5.25
N PHE B 6 -13.64 9.57 5.26
CA PHE B 6 -12.46 10.43 5.17
C PHE B 6 -11.77 10.39 6.53
N THR B 7 -10.46 10.62 6.53
CA THR B 7 -9.71 10.55 7.77
C THR B 7 -8.57 11.53 7.71
N THR B 8 -7.71 11.52 8.71
CA THR B 8 -6.52 12.37 8.67
C THR B 8 -5.31 11.54 9.05
N ILE B 9 -4.13 12.10 8.83
CA ILE B 9 -2.90 11.34 9.01
C ILE B 9 -2.69 10.91 10.47
N GLU B 10 -3.29 11.61 11.44
CA GLU B 10 -3.21 11.17 12.84
C GLU B 10 -3.83 9.80 13.07
N ASN B 11 -4.76 9.41 12.22
CA ASN B 11 -5.39 8.11 12.34
C ASN B 11 -4.62 6.98 11.64
N GLN B 12 -3.61 7.36 10.85
CA GLN B 12 -2.75 6.40 10.15
C GLN B 12 -1.36 7.00 9.95
N PRO B 13 -0.66 7.32 11.05
CA PRO B 13 0.51 8.22 10.99
C PRO B 13 1.77 7.59 10.36
N TRP B 14 1.73 6.30 10.07
CA TRP B 14 2.78 5.63 9.27
C TRP B 14 2.55 5.73 7.76
N PHE B 15 1.45 6.34 7.35
CA PHE B 15 1.13 6.38 5.92
C PHE B 15 2.07 7.31 5.16
N ALA B 16 2.69 6.77 4.11
CA ALA B 16 3.59 7.54 3.27
C ALA B 16 2.97 7.82 1.93
N ALA B 17 3.10 9.05 1.46
CA ALA B 17 2.60 9.44 0.14
C ALA B 17 3.78 9.56 -0.83
N ILE B 18 3.75 8.77 -1.90
CA ILE B 18 4.87 8.72 -2.83
C ILE B 18 4.52 9.33 -4.19
N TYR B 19 5.34 10.29 -4.64
CA TYR B 19 5.09 11.03 -5.87
C TYR B 19 6.26 10.88 -6.84
N ARG B 20 6.03 11.19 -8.11
CA ARG B 20 7.12 11.12 -9.08
C ARG B 20 7.27 12.45 -9.78
N ARG B 21 8.51 12.95 -9.88
CA ARG B 21 8.76 14.20 -10.60
C ARG B 21 8.94 13.89 -12.08
N HIS B 22 8.39 14.74 -12.94
CA HIS B 22 8.40 14.48 -14.39
C HIS B 22 9.44 15.28 -15.14
N ARG B 23 9.44 15.10 -16.47
CA ARG B 23 10.33 15.80 -17.40
C ARG B 23 10.34 17.32 -17.18
N GLY B 24 9.16 17.90 -16.97
CA GLY B 24 8.99 19.34 -16.98
C GLY B 24 8.90 19.96 -15.59
N GLY B 25 9.07 19.15 -14.55
CA GLY B 25 9.04 19.66 -13.19
C GLY B 25 7.73 19.40 -12.47
N SER B 26 6.73 18.94 -13.21
CA SER B 26 5.44 18.63 -12.61
C SER B 26 5.55 17.36 -11.75
N VAL B 27 4.74 17.30 -10.70
CA VAL B 27 4.82 16.22 -9.72
C VAL B 27 3.47 15.52 -9.52
N THR B 28 3.43 14.20 -9.71
CA THR B 28 2.18 13.46 -9.68
C THR B 28 2.26 12.31 -8.68
N TYR B 29 1.11 11.97 -8.09
CA TYR B 29 1.07 10.91 -7.08
C TYR B 29 1.32 9.56 -7.74
N VAL B 30 2.03 8.70 -7.04
CA VAL B 30 2.30 7.36 -7.56
C VAL B 30 1.57 6.28 -6.78
N CYS B 31 1.83 6.21 -5.48
CA CYS B 31 1.44 5.07 -4.65
C CYS B 31 1.53 5.46 -3.20
N GLY B 32 0.84 4.69 -2.35
CA GLY B 32 1.06 4.74 -0.91
C GLY B 32 2.20 3.85 -0.44
N GLY B 33 2.47 3.92 0.85
CA GLY B 33 3.53 3.12 1.47
C GLY B 33 3.36 3.25 2.98
N SER B 34 4.18 2.53 3.74
CA SER B 34 4.12 2.59 5.19
C SER B 34 5.52 2.72 5.81
N LEU B 35 5.62 3.57 6.81
CA LEU B 35 6.88 3.81 7.48
C LEU B 35 7.10 2.69 8.48
N ILE B 36 8.12 1.87 8.25
CA ILE B 36 8.36 0.76 9.16
C ILE B 36 9.56 1.04 10.07
N SER B 37 10.34 2.07 9.74
CA SER B 37 11.44 2.54 10.56
C SER B 37 11.72 3.98 10.14
N PRO B 38 12.42 4.76 10.98
CA PRO B 38 12.57 6.16 10.60
C PRO B 38 13.19 6.40 9.23
N CYS B 39 14.00 5.46 8.72
CA CYS B 39 14.64 5.60 7.39
C CYS B 39 14.00 4.77 6.27
N TRP B 40 13.04 3.91 6.61
CA TRP B 40 12.49 2.98 5.62
C TRP B 40 10.98 3.04 5.44
N VAL B 41 10.59 3.12 4.17
CA VAL B 41 9.21 2.99 3.77
C VAL B 41 9.02 1.71 2.96
N ILE B 42 7.97 0.94 3.28
CA ILE B 42 7.69 -0.23 2.46
C ILE B 42 6.48 0.03 1.54
N SER B 43 6.52 -0.50 0.31
CA SER B 43 5.46 -0.25 -0.67
C SER B 43 5.43 -1.45 -1.65
N ALA B 44 4.85 -1.28 -2.84
CA ALA B 44 4.82 -2.35 -3.86
C ALA B 44 5.78 -2.07 -5.02
N THR B 45 6.45 -3.11 -5.53
CA THR B 45 7.35 -2.95 -6.68
C THR B 45 6.66 -2.45 -7.97
N HIS B 46 5.41 -2.83 -8.19
CA HIS B 46 4.74 -2.44 -9.43
C HIS B 46 4.53 -0.93 -9.54
N CYS B 47 4.58 -0.23 -8.40
CA CYS B 47 4.52 1.24 -8.41
C CYS B 47 5.72 1.90 -9.08
N PHE B 48 6.85 1.21 -9.11
CA PHE B 48 8.13 1.80 -9.49
C PHE B 48 8.79 1.19 -10.73
N ILE B 49 8.31 0.03 -11.13
CA ILE B 49 9.02 -0.78 -12.13
C ILE B 49 9.15 -0.08 -13.50
N ASP B 50 8.19 0.78 -13.85
CA ASP B 50 8.22 1.40 -15.17
C ASP B 50 9.13 2.63 -15.18
N TYR B 51 9.44 3.13 -13.99
CA TYR B 51 10.38 4.24 -13.83
C TYR B 51 11.23 3.99 -12.61
N PRO B 52 12.26 3.14 -12.73
CA PRO B 52 12.96 2.61 -11.55
C PRO B 52 14.14 3.45 -11.03
N LYS B 53 14.23 4.72 -11.40
CA LYS B 53 15.30 5.56 -10.88
C LYS B 53 14.90 6.30 -9.61
N LYS B 54 15.65 6.09 -8.53
CA LYS B 54 15.31 6.66 -7.23
C LYS B 54 15.25 8.18 -7.23
N GLU B 55 16.01 8.81 -8.12
CA GLU B 55 16.06 10.28 -8.17
C GLU B 55 14.73 10.92 -8.57
N ASP B 56 13.85 10.14 -9.20
CA ASP B 56 12.60 10.69 -9.71
C ASP B 56 11.45 10.64 -8.71
N TYR B 57 11.73 10.27 -7.46
CA TYR B 57 10.65 10.13 -6.48
C TYR B 57 10.80 11.04 -5.26
N ILE B 58 9.65 11.42 -4.71
CA ILE B 58 9.58 12.23 -3.51
C ILE B 58 8.63 11.51 -2.55
N VAL B 59 8.98 11.46 -1.27
CA VAL B 59 8.13 10.80 -0.29
C VAL B 59 7.72 11.80 0.79
N TYR B 60 6.43 11.88 1.10
CA TYR B 60 5.97 12.71 2.19
C TYR B 60 5.47 11.83 3.31
N LEU B 61 5.78 12.24 4.54
CA LEU B 61 5.13 11.70 5.72
C LEU B 61 4.35 12.84 6.43
N GLY B 62 3.38 12.45 7.24
CA GLY B 62 2.55 13.42 7.96
C GLY B 62 1.62 14.17 7.05
N ARG B 63 1.23 13.55 5.96
CA ARG B 63 0.44 14.26 4.96
C ARG B 63 -0.99 13.73 4.88
N SER B 64 -1.95 14.64 4.97
CA SER B 64 -3.36 14.24 4.96
C SER B 64 -4.05 14.57 3.65
N ARG B 65 -3.45 15.45 2.84
CA ARG B 65 -4.07 15.83 1.58
C ARG B 65 -3.12 15.57 0.43
N LEU B 66 -3.71 15.28 -0.73
CA LEU B 66 -2.98 14.83 -1.90
C LEU B 66 -2.17 15.91 -2.61
N ASN B 67 -2.78 17.07 -2.85
CA ASN B 67 -2.11 18.13 -3.61
C ASN B 67 -2.04 19.47 -2.88
N SER B 68 -2.05 19.41 -1.55
CA SER B 68 -1.84 20.59 -0.73
C SER B 68 -1.02 20.17 0.48
N ASN B 69 -0.32 21.13 1.08
CA ASN B 69 0.55 20.79 2.20
C ASN B 69 -0.26 20.60 3.49
N THR B 70 0.23 19.70 4.33
CA THR B 70 -0.33 19.46 5.64
C THR B 70 0.64 19.99 6.67
N GLN B 71 0.16 20.80 7.60
CA GLN B 71 1.08 21.34 8.61
C GLN B 71 1.79 20.23 9.38
N GLY B 72 3.11 20.31 9.44
CA GLY B 72 3.92 19.34 10.16
C GLY B 72 4.52 18.26 9.26
N GLU B 73 4.14 18.29 7.98
CA GLU B 73 4.59 17.24 7.05
C GLU B 73 6.09 17.28 6.82
N MET B 74 6.66 16.14 6.41
CA MET B 74 8.07 16.08 6.07
C MET B 74 8.25 15.50 4.66
N LYS B 75 9.18 16.08 3.92
CA LYS B 75 9.46 15.73 2.53
C LYS B 75 10.84 15.06 2.44
N PHE B 76 10.92 13.97 1.68
CA PHE B 76 12.14 13.17 1.58
C PHE B 76 12.48 12.81 0.15
N GLU B 77 13.79 12.76 -0.12
CA GLU B 77 14.30 12.14 -1.32
C GLU B 77 14.46 10.65 -1.07
N VAL B 78 14.60 9.88 -2.14
CA VAL B 78 14.78 8.43 -2.01
C VAL B 78 16.24 8.06 -2.15
N GLU B 79 16.85 7.68 -1.04
CA GLU B 79 18.27 7.36 -0.99
C GLU B 79 18.52 6.01 -1.66
N ASN B 80 17.60 5.08 -1.49
CA ASN B 80 17.71 3.77 -2.12
C ASN B 80 16.32 3.21 -2.49
N LEU B 81 16.18 2.78 -3.73
CA LEU B 81 14.98 2.10 -4.18
C LEU B 81 15.28 0.62 -4.37
N ILE B 82 14.68 -0.22 -3.54
CA ILE B 82 14.94 -1.65 -3.58
C ILE B 82 13.71 -2.38 -4.07
N LEU B 83 13.81 -2.99 -5.24
CA LEU B 83 12.68 -3.74 -5.79
C LEU B 83 12.91 -5.23 -5.62
N HIS B 84 11.83 -6.01 -5.54
CA HIS B 84 11.99 -7.44 -5.26
C HIS B 84 12.43 -8.21 -6.51
N LYS B 85 13.53 -8.95 -6.36
CA LYS B 85 14.15 -9.65 -7.49
C LYS B 85 13.22 -10.60 -8.23
N ASP B 86 12.25 -11.16 -7.51
CA ASP B 86 11.40 -12.18 -8.10
C ASP B 86 10.02 -11.66 -8.47
N TYR B 87 9.89 -10.33 -8.50
CA TYR B 87 8.69 -9.70 -9.00
C TYR B 87 8.27 -10.23 -10.38
N SER B 88 7.00 -10.38 -10.60
CA SER B 88 6.48 -10.63 -11.92
C SER B 88 5.08 -10.11 -12.08
N ALA B 89 4.74 -9.78 -13.29
CA ALA B 89 3.38 -9.48 -13.59
C ALA B 89 2.89 -10.31 -14.74
N ASP B 90 1.79 -11.00 -14.53
CA ASP B 90 1.10 -11.66 -15.61
C ASP B 90 0.04 -10.79 -16.20
N THR B 91 -0.78 -11.39 -17.02
CA THR B 91 -1.88 -10.67 -17.60
C THR B 91 -2.83 -10.21 -16.50
N LEU B 92 -2.94 -10.97 -15.41
CA LEU B 92 -3.87 -10.63 -14.32
C LEU B 92 -3.35 -9.90 -13.08
N ALA B 93 -2.24 -10.36 -12.54
CA ALA B 93 -1.81 -10.07 -11.21
C ALA B 93 -0.31 -9.86 -11.09
N TYR B 94 0.11 -9.46 -9.91
CA TYR B 94 1.48 -9.20 -9.57
C TYR B 94 1.99 -10.21 -8.54
N HIS B 95 3.22 -10.65 -8.68
CA HIS B 95 3.83 -11.58 -7.73
C HIS B 95 5.02 -10.96 -7.05
N ASN B 96 5.21 -11.32 -5.80
CA ASN B 96 6.29 -10.71 -5.00
C ASN B 96 6.26 -9.21 -5.13
N ASP B 97 5.08 -8.64 -4.89
CA ASP B 97 4.86 -7.22 -5.15
C ASP B 97 5.22 -6.45 -3.87
N ILE B 98 6.52 -6.29 -3.63
CA ILE B 98 6.99 -5.61 -2.44
C ILE B 98 8.23 -4.78 -2.76
N ALA B 99 8.35 -3.63 -2.10
CA ALA B 99 9.42 -2.70 -2.38
C ALA B 99 9.81 -1.89 -1.15
N LEU B 100 11.08 -1.53 -1.07
CA LEU B 100 11.60 -0.76 0.04
C LEU B 100 12.24 0.52 -0.44
N LEU B 101 11.88 1.64 0.18
CA LEU B 101 12.46 2.93 -0.15
C LEU B 101 13.20 3.48 1.08
N LYS B 102 14.50 3.74 0.94
CA LYS B 102 15.24 4.41 2.00
C LYS B 102 15.10 5.91 1.83
N ILE B 103 14.56 6.59 2.83
CA ILE B 103 14.30 8.00 2.71
C ILE B 103 15.36 8.88 3.37
N ARG B 104 15.55 10.07 2.81
CA ARG B 104 16.54 11.02 3.29
C ARG B 104 16.16 12.45 2.93
N SER B 105 16.11 13.33 3.92
CA SER B 105 15.80 14.74 3.65
C SER B 105 16.93 15.43 2.92
N LYS B 106 16.65 16.61 2.37
CA LYS B 106 17.68 17.40 1.70
C LYS B 106 18.70 17.89 2.73
N GLU B 107 18.37 17.74 4.00
CA GLU B 107 19.29 18.00 5.09
C GLU B 107 19.96 16.72 5.55
N GLY B 108 19.69 15.63 4.83
CA GLY B 108 20.31 14.34 5.13
C GLY B 108 19.74 13.62 6.33
N ARG B 109 18.51 13.96 6.71
CA ARG B 109 17.89 13.32 7.87
C ARG B 109 16.80 12.32 7.47
N CYS B 110 16.48 11.42 8.39
CA CYS B 110 15.38 10.49 8.22
C CYS B 110 14.10 11.08 8.83
N ALA B 111 13.13 10.24 9.15
CA ALA B 111 11.87 10.74 9.71
C ALA B 111 12.05 11.11 11.17
N GLN B 112 11.36 12.17 11.60
CA GLN B 112 11.28 12.50 13.01
C GLN B 112 9.87 12.22 13.49
N PRO B 113 9.72 11.21 14.36
CA PRO B 113 8.41 10.85 14.90
C PRO B 113 7.70 12.03 15.58
N SER B 114 6.41 12.19 15.28
CA SER B 114 5.59 13.24 15.87
C SER B 114 4.15 12.73 16.03
N ARG B 115 3.22 13.64 16.30
CA ARG B 115 1.81 13.28 16.37
C ARG B 115 1.31 12.81 15.00
N THR B 116 1.92 13.31 13.93
CA THR B 116 1.46 12.97 12.57
C THR B 116 2.36 12.00 11.82
N ILE B 117 3.44 11.53 12.45
CA ILE B 117 4.44 10.68 11.81
C ILE B 117 4.91 9.66 12.84
N GLN B 118 4.54 8.40 12.64
CA GLN B 118 4.89 7.27 13.52
C GLN B 118 5.18 6.02 12.68
N THR B 119 5.87 5.03 13.24
CA THR B 119 6.12 3.80 12.49
C THR B 119 5.05 2.76 12.79
N ILE B 120 4.88 1.79 11.88
CA ILE B 120 4.01 0.64 12.14
C ILE B 120 4.85 -0.62 12.34
N ALA B 121 4.36 -1.51 13.20
CA ALA B 121 5.06 -2.76 13.48
C ALA B 121 4.87 -3.80 12.38
N LEU B 122 5.95 -4.53 12.08
CA LEU B 122 5.85 -5.70 11.22
C LEU B 122 5.27 -6.87 12.03
N PRO B 123 4.62 -7.83 11.36
CA PRO B 123 4.11 -9.03 12.03
C PRO B 123 5.17 -10.06 12.37
N SER B 124 4.83 -11.00 13.27
CA SER B 124 5.65 -12.19 13.48
C SER B 124 5.61 -13.03 12.23
N MET B 125 6.71 -13.72 11.94
CA MET B 125 6.81 -14.47 10.70
C MET B 125 5.71 -15.51 10.62
N TYR B 126 5.12 -15.61 9.43
CA TYR B 126 4.08 -16.58 9.12
C TYR B 126 2.93 -16.52 10.13
N ASN B 127 2.71 -15.33 10.70
CA ASN B 127 1.67 -15.12 11.70
C ASN B 127 0.65 -14.10 11.23
N ASP B 128 -0.54 -14.59 10.87
CA ASP B 128 -1.62 -13.79 10.32
C ASP B 128 -2.92 -14.02 11.10
N PRO B 129 -3.79 -13.01 11.14
CA PRO B 129 -5.09 -13.18 11.80
C PRO B 129 -5.97 -14.24 11.12
N GLN B 130 -6.96 -14.72 11.85
CA GLN B 130 -7.92 -15.69 11.35
C GLN B 130 -8.73 -15.05 10.24
N PHE B 131 -9.25 -15.85 9.32
CA PHE B 131 -10.11 -15.29 8.29
C PHE B 131 -11.39 -14.80 8.99
N GLY B 132 -11.95 -13.71 8.49
CA GLY B 132 -13.08 -13.07 9.12
C GLY B 132 -12.67 -11.85 9.94
N THR B 133 -11.39 -11.78 10.27
CA THR B 133 -10.86 -10.63 11.02
C THR B 133 -11.00 -9.34 10.23
N SER B 134 -11.40 -8.27 10.91
CA SER B 134 -11.54 -6.95 10.30
C SER B 134 -10.22 -6.17 10.30
N CYS B 135 -9.84 -5.66 9.14
CA CYS B 135 -8.63 -4.86 9.04
C CYS B 135 -8.89 -3.54 8.32
N GLU B 136 -8.00 -2.57 8.50
CA GLU B 136 -8.13 -1.24 7.87
C GLU B 136 -7.22 -1.11 6.65
N ILE B 137 -7.72 -0.40 5.63
CA ILE B 137 -6.89 0.04 4.50
C ILE B 137 -7.01 1.57 4.37
N THR B 138 -5.94 2.20 3.89
CA THR B 138 -5.84 3.68 3.87
C THR B 138 -5.22 4.09 2.55
N GLY B 139 -5.70 5.18 1.96
CA GLY B 139 -5.14 5.63 0.70
C GLY B 139 -5.81 6.84 0.09
N PHE B 140 -5.18 7.38 -0.96
CA PHE B 140 -5.69 8.46 -1.78
C PHE B 140 -6.29 7.92 -3.09
N GLY B 141 -6.54 6.61 -3.16
CA GLY B 141 -7.09 6.02 -4.38
C GLY B 141 -8.50 6.51 -4.75
N LYS B 142 -8.96 6.15 -5.96
CA LYS B 142 -10.31 6.52 -6.40
C LYS B 142 -11.44 6.13 -5.42
N GLU B 143 -12.44 7.01 -5.32
CA GLU B 143 -13.66 6.79 -4.53
C GLU B 143 -14.71 6.00 -5.30
N GLN B 144 -14.56 6.01 -6.63
CA GLN B 144 -15.42 5.25 -7.54
C GLN B 144 -14.61 4.77 -8.72
N SER B 145 -14.90 3.55 -9.16
CA SER B 145 -14.17 2.94 -10.26
C SER B 145 -14.22 3.80 -11.54
N THR B 146 -15.33 4.50 -11.75
CA THR B 146 -15.47 5.34 -12.93
C THR B 146 -14.90 6.75 -12.77
N ASP B 147 -14.48 7.13 -11.56
CA ASP B 147 -13.91 8.47 -11.36
C ASP B 147 -12.67 8.68 -12.20
N TYR B 148 -12.46 9.92 -12.62
CA TYR B 148 -11.25 10.34 -13.28
C TYR B 148 -10.28 10.93 -12.27
N LEU B 149 -10.83 11.61 -11.27
CA LEU B 149 -10.03 12.27 -10.26
C LEU B 149 -9.83 11.40 -9.02
N TYR B 150 -8.79 11.74 -8.25
CA TYR B 150 -8.51 11.13 -6.95
C TYR B 150 -8.97 12.10 -5.88
N PRO B 151 -9.39 11.58 -4.72
CA PRO B 151 -9.81 12.46 -3.61
C PRO B 151 -8.65 13.30 -3.10
N GLU B 152 -8.94 14.52 -2.68
CA GLU B 152 -7.93 15.40 -2.14
C GLU B 152 -7.60 15.02 -0.70
N GLN B 153 -8.55 14.40 -0.02
CA GLN B 153 -8.43 14.08 1.41
C GLN B 153 -8.22 12.59 1.56
N LEU B 154 -7.31 12.20 2.45
CA LEU B 154 -7.04 10.78 2.72
C LEU B 154 -8.31 10.06 3.20
N LYS B 155 -8.44 8.79 2.81
CA LYS B 155 -9.56 7.95 3.22
C LYS B 155 -9.11 6.66 3.88
N MET B 156 -10.03 6.02 4.57
CA MET B 156 -9.76 4.71 5.11
C MET B 156 -11.05 3.93 5.17
N THR B 157 -10.94 2.60 5.14
CA THR B 157 -12.10 1.76 5.30
C THR B 157 -11.70 0.45 5.95
N VAL B 158 -12.69 -0.40 6.19
CA VAL B 158 -12.51 -1.69 6.81
C VAL B 158 -12.92 -2.81 5.87
N VAL B 159 -12.09 -3.84 5.80
CA VAL B 159 -12.41 -5.04 5.04
C VAL B 159 -12.09 -6.27 5.89
N LYS B 160 -12.70 -7.42 5.59
CA LYS B 160 -12.40 -8.64 6.35
C LYS B 160 -11.52 -9.63 5.55
N LEU B 161 -10.52 -10.19 6.23
CA LEU B 161 -9.66 -11.21 5.62
C LEU B 161 -10.49 -12.40 5.13
N ILE B 162 -10.17 -12.85 3.93
CA ILE B 162 -10.82 -14.01 3.32
C ILE B 162 -9.87 -15.20 3.40
N SER B 163 -10.40 -16.38 3.68
CA SER B 163 -9.57 -17.59 3.72
C SER B 163 -8.95 -17.87 2.36
N HIS B 164 -7.75 -18.42 2.37
CA HIS B 164 -7.05 -18.72 1.12
C HIS B 164 -7.87 -19.69 0.26
N ARG B 165 -8.59 -20.60 0.91
CA ARG B 165 -9.37 -21.60 0.18
C ARG B 165 -10.50 -20.93 -0.60
N GLU B 166 -11.21 -20.03 0.07
CA GLU B 166 -12.28 -19.29 -0.59
C GLU B 166 -11.76 -18.46 -1.76
N CYS B 167 -10.67 -17.73 -1.52
CA CYS B 167 -10.18 -16.80 -2.54
C CYS B 167 -9.68 -17.55 -3.76
N GLN B 168 -9.23 -18.77 -3.58
CA GLN B 168 -8.69 -19.52 -4.67
C GLN B 168 -9.72 -20.30 -5.43
N GLN B 169 -10.97 -20.18 -5.04
CA GLN B 169 -12.05 -20.72 -5.85
C GLN B 169 -12.06 -20.01 -7.18
N PRO B 170 -12.34 -20.82 -8.27
CA PRO B 170 -12.35 -20.11 -9.56
C PRO B 170 -13.41 -19.07 -9.59
N HIS B 171 -14.32 -19.20 -8.67
CA HIS B 171 -15.41 -18.29 -8.44
C HIS B 171 -14.81 -16.91 -8.15
N TYR B 172 -13.73 -16.92 -7.41
CA TYR B 172 -12.98 -15.73 -7.09
C TYR B 172 -11.81 -15.55 -8.04
N TYR B 173 -10.59 -15.86 -7.61
CA TYR B 173 -9.42 -15.70 -8.44
C TYR B 173 -8.68 -16.97 -8.88
N GLY B 174 -9.19 -18.12 -8.47
CA GLY B 174 -8.56 -19.38 -8.80
C GLY B 174 -7.16 -19.48 -8.31
N SER B 175 -6.26 -19.91 -9.17
CA SER B 175 -4.87 -20.08 -8.79
C SER B 175 -4.04 -18.81 -8.82
N GLU B 176 -4.66 -17.70 -9.22
CA GLU B 176 -3.90 -16.46 -9.32
C GLU B 176 -3.45 -16.01 -7.94
N VAL B 177 -4.21 -16.39 -6.91
CA VAL B 177 -3.84 -16.05 -5.56
C VAL B 177 -2.95 -17.14 -4.96
N THR B 178 -1.83 -16.71 -4.39
CA THR B 178 -0.85 -17.64 -3.84
C THR B 178 -0.79 -17.57 -2.32
N THR B 179 0.06 -18.40 -1.72
CA THR B 179 0.22 -18.38 -0.27
C THR B 179 0.92 -17.10 0.21
N LYS B 180 1.62 -16.43 -0.70
CA LYS B 180 2.31 -15.18 -0.36
C LYS B 180 1.39 -13.96 -0.56
N MET B 181 0.11 -14.22 -0.83
CA MET B 181 -0.90 -13.15 -0.91
C MET B 181 -2.03 -13.35 0.10
N LEU B 182 -2.74 -12.26 0.41
CA LEU B 182 -3.90 -12.29 1.30
C LEU B 182 -5.06 -11.60 0.60
N CYS B 183 -6.27 -12.16 0.73
CA CYS B 183 -7.46 -11.54 0.16
C CYS B 183 -8.31 -10.94 1.26
N ALA B 184 -8.91 -9.80 0.97
CA ALA B 184 -9.84 -9.18 1.91
C ALA B 184 -10.92 -8.42 1.16
N ALA B 185 -12.11 -8.35 1.77
CA ALA B 185 -13.24 -7.72 1.12
C ALA B 185 -14.34 -7.39 2.13
N ASP B 186 -15.30 -6.62 1.66
CA ASP B 186 -16.50 -6.34 2.43
C ASP B 186 -17.52 -7.43 2.16
N PRO B 187 -18.24 -7.88 3.20
CA PRO B 187 -19.31 -8.88 3.04
C PRO B 187 -20.39 -8.47 2.03
N GLN B 188 -20.67 -7.17 1.91
CA GLN B 188 -21.60 -6.69 0.91
C GLN B 188 -20.88 -6.21 -0.35
N TRP B 189 -19.55 -6.39 -0.38
CA TRP B 189 -18.70 -5.90 -1.46
C TRP B 189 -18.87 -4.38 -1.71
N LYS B 190 -19.18 -3.62 -0.66
CA LYS B 190 -19.56 -2.22 -0.81
C LYS B 190 -18.42 -1.24 -0.52
N THR B 191 -17.28 -1.75 -0.06
CA THR B 191 -16.13 -0.89 0.24
C THR B 191 -14.86 -1.68 -0.12
N ASP B 192 -13.81 -0.98 -0.55
CA ASP B 192 -12.66 -1.68 -1.11
C ASP B 192 -11.55 -0.71 -1.43
N SER B 193 -10.36 -1.25 -1.71
CA SER B 193 -9.28 -0.44 -2.25
C SER B 193 -9.53 -0.29 -3.75
N CYS B 194 -8.96 0.74 -4.35
CA CYS B 194 -9.12 0.95 -5.77
C CYS B 194 -7.85 1.55 -6.35
N GLN B 195 -7.95 2.00 -7.61
CA GLN B 195 -6.82 2.58 -8.32
C GLN B 195 -6.19 3.74 -7.56
N GLY B 196 -4.87 3.69 -7.37
CA GLY B 196 -4.20 4.68 -6.56
C GLY B 196 -4.01 4.36 -5.08
N ASP B 197 -4.64 3.29 -4.62
CA ASP B 197 -4.39 2.79 -3.26
C ASP B 197 -3.21 1.83 -3.20
N SER B 198 -2.69 1.42 -4.37
CA SER B 198 -1.57 0.46 -4.40
C SER B 198 -0.41 0.88 -3.53
N GLY B 199 0.26 -0.09 -2.93
CA GLY B 199 1.42 0.16 -2.09
C GLY B 199 1.06 0.49 -0.64
N GLY B 200 -0.19 0.85 -0.40
CA GLY B 200 -0.62 1.26 0.91
C GLY B 200 -0.85 0.13 1.89
N PRO B 201 -1.06 0.48 3.18
CA PRO B 201 -1.11 -0.50 4.26
C PRO B 201 -2.46 -1.18 4.46
N LEU B 202 -2.40 -2.48 4.66
CA LEU B 202 -3.49 -3.24 5.24
C LEU B 202 -3.09 -3.54 6.68
N VAL B 203 -3.84 -2.98 7.64
CA VAL B 203 -3.42 -3.01 9.04
C VAL B 203 -4.42 -3.79 9.89
N CYS B 204 -3.91 -4.80 10.59
CA CYS B 204 -4.75 -5.57 11.49
C CYS B 204 -4.23 -5.51 12.92
N SER B 205 -5.09 -5.89 13.85
CA SER B 205 -4.67 -6.02 15.23
C SER B 205 -4.41 -7.50 15.48
N LEU B 206 -3.15 -7.83 15.73
CA LEU B 206 -2.80 -9.18 16.16
C LEU B 206 -2.09 -9.07 17.50
N GLN B 207 -2.54 -9.90 18.43
CA GLN B 207 -2.43 -9.64 19.87
C GLN B 207 -3.00 -8.24 20.09
N GLY B 208 -2.19 -7.30 20.56
CA GLY B 208 -2.70 -5.99 20.92
C GLY B 208 -1.92 -4.90 20.21
N ARG B 209 -1.39 -5.24 19.04
CA ARG B 209 -0.54 -4.33 18.31
C ARG B 209 -1.13 -4.03 16.95
N MET B 210 -1.18 -2.77 16.57
CA MET B 210 -1.48 -2.41 15.19
C MET B 210 -0.29 -2.92 14.38
N THR B 211 -0.57 -3.69 13.34
CA THR B 211 0.47 -4.44 12.63
C THR B 211 0.27 -4.41 11.12
N LEU B 212 1.36 -4.17 10.38
CA LEU B 212 1.28 -4.20 8.92
C LEU B 212 1.14 -5.61 8.36
N THR B 213 -0.10 -6.01 8.11
CA THR B 213 -0.40 -7.36 7.67
C THR B 213 -0.27 -7.52 6.14
N GLY B 214 -0.59 -6.46 5.42
CA GLY B 214 -0.57 -6.52 3.96
C GLY B 214 -0.24 -5.22 3.26
N ILE B 215 0.05 -5.35 1.97
CA ILE B 215 0.31 -4.20 1.10
C ILE B 215 -0.62 -4.30 -0.12
N VAL B 216 -1.41 -3.24 -0.34
CA VAL B 216 -2.31 -3.21 -1.49
C VAL B 216 -1.55 -3.55 -2.80
N SER B 217 -2.00 -4.60 -3.50
CA SER B 217 -1.31 -5.06 -4.69
C SER B 217 -2.22 -5.11 -5.94
N TRP B 218 -3.27 -5.93 -5.93
CA TRP B 218 -4.13 -6.04 -7.11
C TRP B 218 -5.56 -6.49 -6.84
N GLY B 219 -6.37 -6.52 -7.90
CA GLY B 219 -7.76 -6.96 -7.80
C GLY B 219 -8.52 -6.65 -9.08
N ARG B 220 -9.56 -7.43 -9.38
CA ARG B 220 -10.37 -7.19 -10.57
C ARG B 220 -11.45 -6.17 -10.25
N GLY B 221 -11.41 -5.02 -10.91
CA GLY B 221 -12.29 -3.92 -10.57
C GLY B 221 -12.08 -3.44 -9.14
N CYS B 222 -13.12 -2.81 -8.57
CA CYS B 222 -13.09 -2.34 -7.20
C CYS B 222 -14.48 -2.51 -6.57
N ALA B 223 -14.55 -3.03 -5.35
CA ALA B 223 -15.84 -3.26 -4.69
C ALA B 223 -16.77 -3.99 -5.64
N LEU B 224 -16.28 -5.11 -6.16
CA LEU B 224 -16.98 -5.91 -7.16
C LEU B 224 -17.25 -7.31 -6.60
N LYS B 225 -18.50 -7.75 -6.67
CA LYS B 225 -18.89 -9.02 -6.06
C LYS B 225 -17.98 -10.17 -6.51
N ASP B 226 -17.59 -11.00 -5.54
CA ASP B 226 -16.69 -12.14 -5.76
C ASP B 226 -15.30 -11.76 -6.29
N LYS B 227 -14.94 -10.49 -6.21
CA LYS B 227 -13.61 -10.05 -6.61
C LYS B 227 -12.95 -9.28 -5.48
N PRO B 228 -12.33 -9.99 -4.53
CA PRO B 228 -11.72 -9.30 -3.39
C PRO B 228 -10.51 -8.44 -3.79
N GLY B 229 -10.06 -7.62 -2.85
CA GLY B 229 -8.76 -6.97 -3.01
C GLY B 229 -7.67 -7.98 -2.67
N VAL B 230 -6.54 -7.91 -3.35
CA VAL B 230 -5.43 -8.84 -3.04
C VAL B 230 -4.22 -8.06 -2.54
N TYR B 231 -3.58 -8.58 -1.49
CA TYR B 231 -2.57 -7.86 -0.74
C TYR B 231 -1.33 -8.71 -0.61
N THR B 232 -0.18 -8.07 -0.65
CA THR B 232 1.06 -8.77 -0.42
C THR B 232 1.11 -9.19 1.04
N ARG B 233 1.38 -10.47 1.29
CA ARG B 233 1.32 -11.02 2.64
C ARG B 233 2.64 -10.78 3.36
N VAL B 234 2.71 -9.71 4.15
CA VAL B 234 3.96 -9.22 4.73
C VAL B 234 4.67 -10.27 5.63
N SER B 235 3.90 -11.04 6.39
CA SER B 235 4.47 -12.08 7.28
C SER B 235 5.26 -13.15 6.53
N HIS B 236 5.21 -13.14 5.20
CA HIS B 236 5.92 -14.11 4.38
C HIS B 236 7.18 -13.51 3.77
N PHE B 237 7.49 -12.27 4.12
CA PHE B 237 8.61 -11.57 3.50
C PHE B 237 9.60 -11.02 4.51
N LEU B 238 9.52 -11.49 5.75
CA LEU B 238 10.37 -10.87 6.77
C LEU B 238 11.88 -11.08 6.52
N PRO B 239 12.31 -12.28 6.05
CA PRO B 239 13.75 -12.35 5.79
C PRO B 239 14.19 -11.35 4.73
N TRP B 240 13.42 -11.22 3.65
CA TRP B 240 13.71 -10.26 2.58
C TRP B 240 13.79 -8.83 3.13
N ILE B 241 12.83 -8.46 4.00
CA ILE B 241 12.82 -7.10 4.55
C ILE B 241 14.03 -6.84 5.45
N ARG B 242 14.23 -7.72 6.44
CA ARG B 242 15.33 -7.58 7.38
C ARG B 242 16.67 -7.56 6.66
N SER B 243 16.82 -8.47 5.71
CA SER B 243 18.08 -8.57 4.98
C SER B 243 18.36 -7.25 4.28
N HIS B 244 17.34 -6.61 3.71
CA HIS B 244 17.59 -5.41 2.92
C HIS B 244 17.59 -4.12 3.71
N THR B 245 17.25 -4.18 4.99
CA THR B 245 17.22 -2.97 5.83
C THR B 245 18.34 -2.96 6.87
N LYS B 246 18.94 -4.13 7.11
CA LYS B 246 20.05 -4.24 8.06
C LYS B 246 21.23 -3.36 7.68
#